data_8U5O
#
_entry.id   8U5O
#
_cell.length_a   69.270
_cell.length_b   72.305
_cell.length_c   97.137
_cell.angle_alpha   90.00
_cell.angle_beta   90.00
_cell.angle_gamma   90.00
#
_symmetry.space_group_name_H-M   'P 21 21 21'
#
loop_
_entity.id
_entity.type
_entity.pdbx_description
1 polymer Exo-alpha-sialidase
2 non-polymer 'N-glycolyl-alpha-neuraminic acid'
3 non-polymer 'CALCIUM ION'
4 non-polymer 'NITRATE ION'
5 water water
#
_entity_poly.entity_id   1
_entity_poly.type   'polypeptide(L)'
_entity_poly.pdbx_seq_one_letter_code
;MVEGAVKTEPVDLFHPGFLNSSNYRIPALFKTKEGTLIASIDARRHGGADAPNNDIDTAVRRSEDGGKTWDEGQIIMDYP
DKSSVIDTTLIEDDETGRIFLLVTHFPSKYGFWNAGLGSGFKNIDGKEYLCLYDSSGKEFTVRENVVYDKDSNKTEYTTN
ALGDLFRNGTKIDNINSSTAPLKAKGTSYINLVYSDDDGKTWSEPQNINFQVKKDWMKFLGIAPGRGIQIKNGEHKGRIV
VPVYYTNEKGKQSSAVIYSDDSGKNWTIGESPNDNRKLENGKIINSKTLSDDAPQLTECQVVEMPNGQLKLFMRNLSGYL
NIATSFDGGATWDETVEKDTNVLEPYCQLSVINYSQKVDGKDAVIFSNPNARSRSNGTVRIGLINQVGTYENGEPKYEFD
WKYNKLVKPGYYAYSCLTELSNGNIGLLYEGTPSEEMSYIEMNLKYLES
;
_entity_poly.pdbx_strand_id   A
#
loop_
_chem_comp.id
_chem_comp.type
_chem_comp.name
_chem_comp.formula
CA non-polymer 'CALCIUM ION' 'Ca 2'
NGC D-saccharide, alpha linking 'N-glycolyl-alpha-neuraminic acid' 'C11 H19 N O10'
NO3 non-polymer 'NITRATE ION' 'N O3 -1'
#
# COMPACT_ATOMS: atom_id res chain seq x y z
N MET A 1 -8.72 -11.68 31.39
CA MET A 1 -9.74 -11.36 30.39
C MET A 1 -11.13 -11.59 30.94
N VAL A 2 -12.06 -10.67 30.61
CA VAL A 2 -13.44 -10.83 31.04
C VAL A 2 -14.07 -12.01 30.31
N GLU A 3 -15.14 -12.56 30.91
CA GLU A 3 -15.80 -13.72 30.34
C GLU A 3 -16.38 -13.37 28.97
N GLY A 4 -16.05 -14.21 27.97
CA GLY A 4 -16.45 -13.99 26.61
C GLY A 4 -15.48 -13.19 25.78
N ALA A 5 -14.48 -12.56 26.40
CA ALA A 5 -13.52 -11.80 25.62
C ALA A 5 -12.66 -12.76 24.81
N VAL A 6 -12.33 -12.36 23.59
CA VAL A 6 -11.50 -13.17 22.70
C VAL A 6 -10.28 -12.35 22.32
N LYS A 7 -9.10 -12.91 22.60
CA LYS A 7 -7.84 -12.44 22.02
C LYS A 7 -7.04 -13.73 21.84
N THR A 8 -6.97 -14.22 20.61
CA THR A 8 -6.33 -15.51 20.39
C THR A 8 -4.82 -15.43 20.60
N GLU A 9 -4.22 -16.57 20.96
CA GLU A 9 -2.79 -16.59 21.11
C GLU A 9 -2.14 -16.41 19.74
N PRO A 10 -1.07 -15.62 19.65
CA PRO A 10 -0.53 -15.30 18.32
C PRO A 10 -0.09 -16.53 17.56
N VAL A 11 -0.41 -16.56 16.27
N VAL A 11 -0.41 -16.54 16.26
CA VAL A 11 0.12 -17.57 15.37
CA VAL A 11 0.06 -17.54 15.31
C VAL A 11 1.09 -16.91 14.41
C VAL A 11 1.09 -16.88 14.41
N ASP A 12 2.23 -17.56 14.19
CA ASP A 12 3.27 -17.02 13.31
C ASP A 12 2.88 -17.34 11.87
N LEU A 13 2.05 -16.47 11.30
CA LEU A 13 1.53 -16.69 9.96
C LEU A 13 2.63 -16.69 8.91
N PHE A 14 3.66 -15.87 9.09
CA PHE A 14 4.86 -16.01 8.29
C PHE A 14 6.02 -16.05 9.27
N HIS A 15 7.08 -16.75 8.90
CA HIS A 15 8.20 -16.93 9.81
C HIS A 15 9.37 -17.47 8.99
N PRO A 16 10.59 -17.39 9.54
CA PRO A 16 11.76 -17.94 8.82
C PRO A 16 11.51 -19.38 8.43
N GLY A 17 11.79 -19.69 7.16
CA GLY A 17 11.63 -21.01 6.64
C GLY A 17 10.35 -21.25 5.90
N PHE A 18 9.31 -20.46 6.18
CA PHE A 18 8.07 -20.61 5.43
C PHE A 18 8.31 -20.20 3.99
N LEU A 19 7.92 -21.06 3.07
CA LEU A 19 8.21 -20.87 1.63
C LEU A 19 9.70 -20.67 1.38
N ASN A 20 10.53 -21.21 2.27
CA ASN A 20 11.99 -21.11 2.19
C ASN A 20 12.46 -19.65 2.15
N SER A 21 11.74 -18.76 2.82
CA SER A 21 12.20 -17.39 2.99
C SER A 21 12.73 -17.18 4.40
N SER A 22 13.93 -16.61 4.51
CA SER A 22 14.55 -16.40 5.80
C SER A 22 13.88 -15.28 6.58
N ASN A 23 13.26 -14.33 5.88
CA ASN A 23 12.76 -13.13 6.54
C ASN A 23 11.44 -12.71 5.92
N TYR A 24 10.67 -11.94 6.69
CA TYR A 24 9.37 -11.45 6.24
C TYR A 24 9.14 -10.07 6.84
N ARG A 25 8.46 -9.21 6.07
CA ARG A 25 8.05 -7.90 6.56
C ARG A 25 6.83 -7.46 5.75
N ILE A 26 6.12 -6.49 6.31
CA ILE A 26 5.14 -5.65 5.60
C ILE A 26 3.80 -6.37 5.41
N PRO A 27 3.00 -6.51 6.46
CA PRO A 27 1.78 -7.30 6.36
C PRO A 27 0.63 -6.55 5.70
N ALA A 28 -0.17 -7.32 4.96
CA ALA A 28 -1.45 -6.88 4.43
C ALA A 28 -2.46 -7.99 4.70
N LEU A 29 -3.70 -7.60 5.03
CA LEU A 29 -4.71 -8.57 5.44
C LEU A 29 -6.08 -8.08 5.02
N PHE A 30 -6.85 -8.94 4.35
CA PHE A 30 -8.11 -8.54 3.74
C PHE A 30 -9.10 -9.71 3.73
N LYS A 31 -10.35 -9.45 4.13
CA LYS A 31 -11.42 -10.44 3.98
C LYS A 31 -12.16 -10.18 2.67
N THR A 32 -12.23 -11.19 1.81
CA THR A 32 -12.93 -11.07 0.54
C THR A 32 -14.44 -11.12 0.74
N LYS A 33 -15.16 -10.72 -0.32
CA LYS A 33 -16.63 -10.77 -0.30
C LYS A 33 -17.14 -12.18 -0.01
N GLU A 34 -16.40 -13.21 -0.45
CA GLU A 34 -16.74 -14.60 -0.18
C GLU A 34 -16.41 -15.03 1.25
N GLY A 35 -15.74 -14.20 2.02
CA GLY A 35 -15.38 -14.54 3.38
C GLY A 35 -13.98 -15.08 3.59
N THR A 36 -13.17 -15.18 2.53
CA THR A 36 -11.82 -15.70 2.66
C THR A 36 -10.88 -14.63 3.21
N LEU A 37 -9.96 -15.02 4.07
CA LEU A 37 -8.91 -14.09 4.49
C LEU A 37 -7.72 -14.28 3.57
N ILE A 38 -7.23 -13.18 3.01
CA ILE A 38 -5.99 -13.16 2.25
C ILE A 38 -4.98 -12.36 3.03
N ALA A 39 -3.83 -12.96 3.27
CA ALA A 39 -2.71 -12.29 3.92
C ALA A 39 -1.57 -12.23 2.92
N SER A 40 -1.03 -11.04 2.69
CA SER A 40 0.14 -10.90 1.82
C SER A 40 1.27 -10.26 2.62
N ILE A 41 2.49 -10.38 2.07
CA ILE A 41 3.69 -10.11 2.86
C ILE A 41 4.86 -10.07 1.89
N ASP A 42 5.94 -9.39 2.29
CA ASP A 42 7.21 -9.42 1.56
C ASP A 42 7.99 -10.61 2.12
N ALA A 43 8.33 -11.56 1.23
CA ALA A 43 9.28 -12.62 1.56
C ALA A 43 10.68 -12.09 1.23
N ARG A 44 11.39 -11.66 2.24
CA ARG A 44 12.67 -10.99 2.10
C ARG A 44 13.73 -12.08 2.18
N ARG A 45 14.36 -12.39 1.05
CA ARG A 45 15.08 -13.65 0.96
C ARG A 45 16.50 -13.60 1.52
N HIS A 46 17.06 -12.41 1.74
CA HIS A 46 18.45 -12.26 2.19
C HIS A 46 18.55 -11.30 3.35
N GLY A 47 17.74 -11.51 4.38
CA GLY A 47 17.70 -10.63 5.54
C GLY A 47 16.48 -9.74 5.51
N GLY A 48 16.39 -8.84 6.51
CA GLY A 48 15.24 -7.94 6.61
C GLY A 48 15.33 -6.63 5.87
N ALA A 49 16.48 -6.34 5.28
CA ALA A 49 16.74 -5.02 4.72
C ALA A 49 15.82 -4.71 3.55
N ASP A 50 15.50 -3.42 3.41
CA ASP A 50 14.73 -2.91 2.27
C ASP A 50 15.58 -3.01 1.00
N ALA A 51 14.87 -3.03 -0.13
CA ALA A 51 15.51 -2.77 -1.42
C ALA A 51 16.36 -1.52 -1.32
N PRO A 52 17.52 -1.47 -1.97
CA PRO A 52 18.03 -2.45 -2.92
C PRO A 52 18.91 -3.55 -2.30
N ASN A 53 18.99 -3.60 -0.98
CA ASN A 53 19.91 -4.54 -0.31
C ASN A 53 19.24 -5.88 0.00
N ASN A 54 18.59 -6.46 -1.00
CA ASN A 54 17.87 -7.70 -0.78
C ASN A 54 17.35 -8.20 -2.12
N ASP A 55 16.64 -9.32 -2.05
CA ASP A 55 15.89 -9.86 -3.17
C ASP A 55 14.57 -10.27 -2.53
N ILE A 56 13.51 -9.51 -2.83
CA ILE A 56 12.23 -9.61 -2.12
C ILE A 56 11.16 -10.07 -3.10
N ASP A 57 10.40 -11.10 -2.70
CA ASP A 57 9.28 -11.65 -3.46
C ASP A 57 7.98 -11.42 -2.70
N THR A 58 6.84 -11.48 -3.38
CA THR A 58 5.54 -11.35 -2.73
C THR A 58 4.95 -12.73 -2.45
N ALA A 59 4.57 -12.95 -1.18
CA ALA A 59 3.91 -14.19 -0.76
C ALA A 59 2.49 -13.92 -0.27
N VAL A 60 1.63 -14.94 -0.44
CA VAL A 60 0.22 -14.91 -0.06
C VAL A 60 -0.16 -16.20 0.68
N ARG A 61 -0.97 -16.06 1.75
CA ARG A 61 -1.66 -17.21 2.34
C ARG A 61 -3.14 -16.92 2.37
N ARG A 62 -3.95 -17.98 2.35
CA ARG A 62 -5.41 -17.85 2.36
C ARG A 62 -5.97 -18.67 3.52
N SER A 63 -7.06 -18.17 4.12
CA SER A 63 -7.84 -18.94 5.09
C SER A 63 -9.29 -18.94 4.65
N GLU A 64 -9.90 -20.14 4.63
CA GLU A 64 -11.30 -20.30 4.26
C GLU A 64 -12.19 -20.55 5.48
N ASP A 65 -11.63 -20.49 6.68
CA ASP A 65 -12.40 -20.78 7.88
C ASP A 65 -12.31 -19.66 8.90
N GLY A 66 -12.23 -18.42 8.42
CA GLY A 66 -12.24 -17.29 9.31
C GLY A 66 -10.94 -17.07 10.03
N GLY A 67 -9.85 -17.59 9.48
CA GLY A 67 -8.54 -17.40 10.07
C GLY A 67 -8.12 -18.47 11.04
N LYS A 68 -8.89 -19.54 11.19
CA LYS A 68 -8.45 -20.60 12.10
C LYS A 68 -7.38 -21.48 11.50
N THR A 69 -7.45 -21.78 10.20
CA THR A 69 -6.40 -22.50 9.52
C THR A 69 -6.03 -21.78 8.23
N TRP A 70 -4.79 -21.96 7.81
CA TRP A 70 -4.22 -21.26 6.65
C TRP A 70 -3.57 -22.25 5.70
N ASP A 71 -3.58 -21.89 4.42
CA ASP A 71 -3.05 -22.77 3.37
C ASP A 71 -1.52 -22.74 3.37
N GLU A 72 -0.91 -23.45 2.42
CA GLU A 72 0.54 -23.59 2.44
C GLU A 72 1.24 -22.43 1.76
N GLY A 73 0.50 -21.40 1.34
CA GLY A 73 1.13 -20.22 0.78
C GLY A 73 1.57 -20.41 -0.67
N GLN A 74 1.88 -19.28 -1.30
CA GLN A 74 2.47 -19.26 -2.62
C GLN A 74 3.22 -17.94 -2.83
N ILE A 75 4.26 -17.99 -3.62
CA ILE A 75 4.94 -16.79 -4.12
C ILE A 75 4.23 -16.39 -5.39
N ILE A 76 3.78 -15.14 -5.48
CA ILE A 76 3.02 -14.69 -6.65
C ILE A 76 3.76 -13.68 -7.52
N MET A 77 4.80 -13.03 -7.01
CA MET A 77 5.74 -12.23 -7.79
C MET A 77 7.17 -12.44 -7.37
N ASP A 78 8.05 -12.66 -8.35
CA ASP A 78 9.44 -12.98 -8.08
C ASP A 78 10.20 -12.51 -9.31
N TYR A 79 10.97 -11.44 -9.15
CA TYR A 79 11.89 -10.97 -10.17
C TYR A 79 13.31 -11.41 -9.83
N PRO A 80 14.21 -11.51 -10.81
CA PRO A 80 15.51 -12.12 -10.55
C PRO A 80 16.54 -11.10 -10.07
N ASP A 81 17.62 -11.65 -9.50
CA ASP A 81 18.88 -10.91 -9.36
C ASP A 81 18.73 -9.59 -8.61
N LYS A 82 18.05 -9.66 -7.47
CA LYS A 82 17.91 -8.52 -6.54
C LYS A 82 17.01 -7.41 -7.08
N SER A 83 16.18 -7.73 -8.07
CA SER A 83 15.05 -6.87 -8.38
C SER A 83 13.94 -7.27 -7.42
N SER A 84 13.40 -6.31 -6.68
CA SER A 84 12.47 -6.62 -5.60
C SER A 84 11.08 -6.08 -5.84
N VAL A 85 10.10 -6.79 -5.31
CA VAL A 85 8.75 -6.27 -5.10
C VAL A 85 8.57 -6.08 -3.60
N ILE A 86 8.15 -4.87 -3.20
N ILE A 86 8.12 -4.88 -3.22
CA ILE A 86 8.06 -4.51 -1.78
CA ILE A 86 8.03 -4.44 -1.83
C ILE A 86 6.81 -3.69 -1.54
C ILE A 86 6.69 -3.76 -1.60
N ASP A 87 6.15 -3.94 -0.40
CA ASP A 87 5.02 -3.16 0.12
C ASP A 87 3.72 -3.48 -0.64
N THR A 88 2.99 -4.48 -0.18
CA THR A 88 1.78 -4.90 -0.87
C THR A 88 0.56 -4.24 -0.26
N THR A 89 -0.52 -4.22 -1.06
CA THR A 89 -1.81 -3.72 -0.59
C THR A 89 -2.89 -4.53 -1.26
N LEU A 90 -3.98 -4.79 -0.53
CA LEU A 90 -5.08 -5.63 -0.99
C LEU A 90 -6.38 -4.84 -1.07
N ILE A 91 -7.18 -5.09 -2.12
CA ILE A 91 -8.53 -4.55 -2.22
C ILE A 91 -9.33 -5.43 -3.17
N GLU A 92 -10.64 -5.30 -3.19
CA GLU A 92 -11.49 -6.09 -4.08
C GLU A 92 -12.51 -5.16 -4.70
N ASP A 93 -12.91 -5.46 -5.94
CA ASP A 93 -14.05 -4.81 -6.56
C ASP A 93 -15.25 -5.71 -6.26
N ASP A 94 -16.13 -5.22 -5.40
CA ASP A 94 -17.23 -6.11 -5.01
C ASP A 94 -18.21 -6.34 -6.17
N GLU A 95 -18.23 -5.46 -7.18
CA GLU A 95 -19.16 -5.64 -8.29
C GLU A 95 -18.76 -6.83 -9.17
N THR A 96 -17.46 -7.03 -9.40
CA THR A 96 -16.95 -8.08 -10.29
C THR A 96 -16.37 -9.27 -9.55
N GLY A 97 -16.12 -9.15 -8.24
CA GLY A 97 -15.49 -10.21 -7.49
C GLY A 97 -14.01 -10.36 -7.77
N ARG A 98 -13.38 -9.33 -8.30
CA ARG A 98 -11.97 -9.40 -8.63
C ARG A 98 -11.18 -8.84 -7.46
N ILE A 99 -10.16 -9.57 -7.02
CA ILE A 99 -9.30 -9.13 -5.92
C ILE A 99 -8.06 -8.55 -6.54
N PHE A 100 -7.60 -7.41 -6.03
CA PHE A 100 -6.41 -6.73 -6.52
C PHE A 100 -5.32 -6.74 -5.46
N LEU A 101 -4.09 -6.98 -5.89
CA LEU A 101 -2.92 -6.77 -5.06
C LEU A 101 -1.97 -5.87 -5.85
N LEU A 102 -1.53 -4.78 -5.22
CA LEU A 102 -0.56 -3.89 -5.85
C LEU A 102 0.69 -3.86 -5.00
N VAL A 103 1.83 -3.56 -5.64
CA VAL A 103 3.13 -3.59 -4.96
C VAL A 103 4.05 -2.61 -5.69
N THR A 104 5.11 -2.19 -4.99
CA THR A 104 6.16 -1.36 -5.60
C THR A 104 7.27 -2.29 -6.12
N HIS A 105 7.72 -2.02 -7.35
CA HIS A 105 8.73 -2.87 -7.99
C HIS A 105 9.95 -2.03 -8.36
N PHE A 106 11.14 -2.55 -8.04
CA PHE A 106 12.40 -1.90 -8.46
C PHE A 106 13.25 -2.86 -9.25
N PRO A 107 13.88 -2.41 -10.33
CA PRO A 107 14.95 -3.20 -10.95
C PRO A 107 16.10 -3.39 -9.96
N SER A 108 16.95 -4.36 -10.29
CA SER A 108 18.14 -4.59 -9.50
C SER A 108 18.91 -3.29 -9.32
N LYS A 109 19.38 -3.06 -8.08
CA LYS A 109 20.22 -1.93 -7.63
C LYS A 109 19.40 -0.72 -7.18
N TYR A 110 18.06 -0.74 -7.30
CA TYR A 110 17.27 0.46 -7.04
C TYR A 110 16.34 0.25 -5.85
N GLY A 111 16.04 1.37 -5.18
CA GLY A 111 15.14 1.39 -4.04
C GLY A 111 14.67 2.82 -3.80
N PHE A 112 14.09 3.02 -2.61
CA PHE A 112 13.50 4.31 -2.26
C PHE A 112 14.47 5.48 -2.42
N TRP A 113 15.73 5.27 -2.05
CA TRP A 113 16.65 6.41 -1.94
C TRP A 113 17.26 6.82 -3.27
N ASN A 114 17.38 5.91 -4.22
CA ASN A 114 18.08 6.20 -5.47
C ASN A 114 17.18 6.05 -6.71
N ALA A 115 15.87 6.04 -6.53
CA ALA A 115 14.97 5.92 -7.68
C ALA A 115 15.14 7.10 -8.62
N GLY A 116 15.26 6.82 -9.93
CA GLY A 116 15.35 7.88 -10.91
C GLY A 116 14.02 8.59 -11.14
N LEU A 117 14.09 9.79 -11.74
CA LEU A 117 12.88 10.60 -11.94
C LEU A 117 11.95 9.96 -12.97
N GLY A 118 10.66 10.07 -12.72
CA GLY A 118 9.65 9.81 -13.72
C GLY A 118 9.22 8.36 -13.84
N SER A 119 8.37 8.11 -14.84
CA SER A 119 7.64 6.85 -14.95
C SER A 119 8.45 5.72 -15.58
N GLY A 120 9.52 6.02 -16.32
CA GLY A 120 10.20 4.97 -17.04
C GLY A 120 9.55 4.66 -18.37
N PHE A 121 8.50 5.39 -18.73
CA PHE A 121 7.80 5.26 -20.00
C PHE A 121 7.98 6.54 -20.80
N LYS A 122 7.88 6.42 -22.12
CA LYS A 122 7.97 7.53 -23.06
C LYS A 122 6.77 7.50 -23.99
N ASN A 123 6.26 8.68 -24.34
CA ASN A 123 5.15 8.76 -25.28
C ASN A 123 5.70 8.67 -26.70
N ILE A 124 5.20 7.73 -27.48
CA ILE A 124 5.48 7.70 -28.91
C ILE A 124 4.13 7.79 -29.60
N ASP A 125 3.86 8.94 -30.24
CA ASP A 125 2.67 9.12 -31.06
C ASP A 125 1.37 8.80 -30.31
N GLY A 126 1.33 9.14 -29.02
CA GLY A 126 0.09 9.06 -28.29
C GLY A 126 -0.08 7.87 -27.38
N LYS A 127 0.91 6.98 -27.31
CA LYS A 127 0.85 5.85 -26.36
C LYS A 127 2.15 5.79 -25.58
N GLU A 128 2.05 5.42 -24.30
CA GLU A 128 3.20 5.35 -23.42
C GLU A 128 3.81 3.97 -23.53
N TYR A 129 5.14 3.93 -23.72
CA TYR A 129 5.86 2.67 -23.84
C TYR A 129 7.02 2.64 -22.87
N LEU A 130 7.25 1.46 -22.28
CA LEU A 130 8.39 1.31 -21.37
C LEU A 130 9.70 1.49 -22.11
N CYS A 131 10.60 2.26 -21.54
CA CYS A 131 11.90 2.48 -22.14
C CYS A 131 12.88 1.39 -21.70
N LEU A 132 13.81 1.06 -22.62
CA LEU A 132 14.95 0.22 -22.25
C LEU A 132 16.20 0.92 -22.70
N TYR A 133 17.32 0.60 -22.03
CA TYR A 133 18.59 1.27 -22.33
C TYR A 133 19.66 0.21 -22.53
N ASP A 134 20.52 0.43 -23.53
CA ASP A 134 21.68 -0.43 -23.71
C ASP A 134 22.88 0.12 -22.95
N SER A 135 24.02 -0.55 -23.15
CA SER A 135 25.22 -0.20 -22.39
C SER A 135 25.75 1.18 -22.73
N SER A 136 25.45 1.69 -23.92
CA SER A 136 25.89 3.02 -24.31
C SER A 136 24.87 4.10 -23.92
N GLY A 137 23.74 3.70 -23.34
CA GLY A 137 22.74 4.68 -22.99
C GLY A 137 21.72 4.95 -24.06
N LYS A 138 21.78 4.23 -25.19
CA LYS A 138 20.78 4.42 -26.23
C LYS A 138 19.43 3.92 -25.72
N GLU A 139 18.37 4.59 -26.15
CA GLU A 139 17.01 4.39 -25.64
C GLU A 139 16.17 3.63 -26.65
N PHE A 140 15.49 2.62 -26.16
CA PHE A 140 14.60 1.77 -26.93
C PHE A 140 13.22 1.84 -26.28
N THR A 141 12.20 1.45 -27.03
CA THR A 141 10.88 1.36 -26.45
C THR A 141 10.31 -0.04 -26.62
N VAL A 142 9.47 -0.44 -25.67
CA VAL A 142 8.79 -1.73 -25.75
C VAL A 142 7.36 -1.46 -26.19
N ARG A 143 6.99 -1.95 -27.38
CA ARG A 143 5.66 -1.68 -27.95
C ARG A 143 4.96 -3.01 -28.17
N GLU A 144 3.91 -3.26 -27.37
CA GLU A 144 3.26 -4.58 -27.38
C GLU A 144 4.29 -5.70 -27.27
N ASN A 145 5.23 -5.52 -26.34
CA ASN A 145 6.24 -6.51 -25.99
C ASN A 145 7.29 -6.73 -27.07
N VAL A 146 7.36 -5.84 -28.07
CA VAL A 146 8.38 -5.88 -29.11
C VAL A 146 9.28 -4.68 -28.91
N VAL A 147 10.59 -4.90 -28.90
CA VAL A 147 11.55 -3.82 -28.63
C VAL A 147 11.90 -3.08 -29.93
N TYR A 148 11.70 -1.75 -29.94
CA TYR A 148 12.03 -0.90 -31.06
C TYR A 148 13.20 0.00 -30.69
N ASP A 149 14.06 0.29 -31.66
CA ASP A 149 15.16 1.21 -31.41
C ASP A 149 14.69 2.67 -31.51
N LYS A 150 15.63 3.60 -31.29
CA LYS A 150 15.27 5.01 -31.27
C LYS A 150 14.74 5.51 -32.60
N ASP A 151 15.05 4.80 -33.70
CA ASP A 151 14.56 5.14 -35.02
C ASP A 151 13.29 4.40 -35.40
N SER A 152 12.64 3.75 -34.42
CA SER A 152 11.42 2.98 -34.64
C SER A 152 11.60 1.76 -35.54
N ASN A 153 12.83 1.23 -35.61
CA ASN A 153 13.08 -0.06 -36.25
C ASN A 153 12.83 -1.18 -35.24
N LYS A 154 12.16 -2.23 -35.67
CA LYS A 154 11.98 -3.40 -34.82
C LYS A 154 13.34 -4.08 -34.63
N THR A 155 13.67 -4.44 -33.39
CA THR A 155 14.89 -5.15 -33.08
C THR A 155 14.62 -6.67 -33.04
N GLU A 156 15.61 -7.44 -32.65
CA GLU A 156 15.43 -8.87 -32.42
C GLU A 156 14.91 -9.19 -31.04
N TYR A 157 14.60 -8.18 -30.20
CA TYR A 157 14.26 -8.46 -28.82
C TYR A 157 12.77 -8.29 -28.59
N THR A 158 12.26 -9.11 -27.67
CA THR A 158 10.91 -9.00 -27.16
C THR A 158 10.99 -9.17 -25.65
N THR A 159 9.90 -8.84 -24.96
CA THR A 159 9.80 -9.00 -23.51
C THR A 159 8.51 -9.70 -23.15
N ASN A 160 8.37 -10.04 -21.86
CA ASN A 160 7.05 -10.40 -21.31
C ASN A 160 6.77 -9.52 -20.10
N ALA A 161 5.60 -9.75 -19.49
CA ALA A 161 5.15 -8.94 -18.36
C ALA A 161 6.09 -9.02 -17.18
N LEU A 162 6.80 -10.14 -17.03
CA LEU A 162 7.75 -10.32 -15.93
C LEU A 162 9.11 -9.75 -16.27
N GLY A 163 9.27 -9.19 -17.46
CA GLY A 163 10.52 -8.57 -17.86
C GLY A 163 11.53 -9.50 -18.48
N ASP A 164 11.17 -10.76 -18.71
CA ASP A 164 12.12 -11.61 -19.42
C ASP A 164 12.41 -10.99 -20.78
N LEU A 165 13.66 -11.11 -21.20
CA LEU A 165 14.16 -10.54 -22.45
C LEU A 165 14.52 -11.68 -23.39
N PHE A 166 13.87 -11.70 -24.54
CA PHE A 166 14.01 -12.79 -25.51
C PHE A 166 14.71 -12.25 -26.76
N ARG A 167 15.69 -13.00 -27.25
CA ARG A 167 16.37 -12.67 -28.50
C ARG A 167 15.90 -13.70 -29.50
N ASN A 168 15.16 -13.25 -30.52
CA ASN A 168 14.54 -14.15 -31.51
C ASN A 168 13.79 -15.29 -30.83
N GLY A 169 13.05 -14.96 -29.77
CA GLY A 169 12.22 -15.92 -29.06
C GLY A 169 12.89 -16.78 -28.01
N THR A 170 14.19 -16.62 -27.77
CA THR A 170 14.91 -17.40 -26.77
C THR A 170 15.23 -16.47 -25.61
N LYS A 171 14.89 -16.89 -24.39
CA LYS A 171 15.19 -16.05 -23.23
C LYS A 171 16.68 -15.94 -23.04
N ILE A 172 17.19 -14.71 -22.93
CA ILE A 172 18.61 -14.48 -22.62
C ILE A 172 18.84 -13.83 -21.28
N ASP A 173 17.87 -13.08 -20.74
CA ASP A 173 18.09 -12.38 -19.49
C ASP A 173 16.74 -11.80 -19.08
N ASN A 174 16.73 -10.77 -18.22
CA ASN A 174 15.50 -10.12 -17.79
C ASN A 174 15.87 -8.65 -17.60
N ILE A 175 15.02 -7.75 -18.09
CA ILE A 175 15.32 -6.32 -18.11
C ILE A 175 15.43 -5.70 -16.74
N ASN A 176 15.13 -6.47 -15.69
CA ASN A 176 15.26 -5.99 -14.32
C ASN A 176 16.54 -6.48 -13.64
N SER A 177 17.34 -7.29 -14.31
CA SER A 177 18.56 -7.83 -13.71
C SER A 177 19.73 -6.85 -13.82
N SER A 178 20.81 -7.21 -13.15
CA SER A 178 22.05 -6.46 -13.26
C SER A 178 22.88 -6.77 -14.50
N THR A 179 22.46 -7.73 -15.36
CA THR A 179 23.30 -8.21 -16.46
C THR A 179 22.65 -8.05 -17.84
N ALA A 180 21.40 -7.62 -17.91
CA ALA A 180 20.72 -7.68 -19.20
C ALA A 180 21.32 -6.69 -20.19
N PRO A 181 21.36 -7.03 -21.47
CA PRO A 181 21.88 -6.07 -22.46
C PRO A 181 20.95 -4.90 -22.66
N LEU A 182 19.67 -5.05 -22.30
CA LEU A 182 18.71 -3.96 -22.29
C LEU A 182 18.05 -3.94 -20.93
N LYS A 183 18.06 -2.77 -20.27
CA LYS A 183 17.53 -2.63 -18.92
C LYS A 183 16.48 -1.52 -18.83
N ALA A 184 15.46 -1.76 -18.01
CA ALA A 184 14.51 -0.71 -17.68
C ALA A 184 15.23 0.39 -16.91
N LYS A 185 14.61 1.57 -16.91
CA LYS A 185 15.12 2.65 -16.07
C LYS A 185 15.10 2.26 -14.60
N GLY A 186 16.15 2.62 -13.88
CA GLY A 186 16.26 2.34 -12.46
C GLY A 186 15.41 3.30 -11.65
N THR A 187 14.19 2.87 -11.33
CA THR A 187 13.26 3.69 -10.55
C THR A 187 12.18 2.77 -9.99
N SER A 188 11.25 3.35 -9.25
CA SER A 188 10.11 2.59 -8.76
C SER A 188 9.06 2.44 -9.85
N TYR A 189 8.33 1.31 -9.79
CA TYR A 189 7.18 1.06 -10.64
C TYR A 189 6.07 0.49 -9.79
N ILE A 190 4.84 0.95 -10.01
CA ILE A 190 3.68 0.32 -9.39
C ILE A 190 3.24 -0.85 -10.25
N ASN A 191 3.10 -2.02 -9.63
CA ASN A 191 2.65 -3.23 -10.32
C ASN A 191 1.32 -3.67 -9.72
N LEU A 192 0.50 -4.29 -10.56
N LEU A 192 0.48 -4.25 -10.56
CA LEU A 192 -0.85 -4.69 -10.20
CA LEU A 192 -0.85 -4.70 -10.16
C LEU A 192 -1.09 -6.11 -10.65
C LEU A 192 -1.02 -6.14 -10.62
N VAL A 193 -1.56 -6.97 -9.74
CA VAL A 193 -2.03 -8.30 -10.11
C VAL A 193 -3.45 -8.47 -9.59
N TYR A 194 -4.16 -9.43 -10.15
CA TYR A 194 -5.54 -9.68 -9.75
C TYR A 194 -5.85 -11.17 -9.71
N SER A 195 -6.90 -11.49 -8.96
CA SER A 195 -7.43 -12.84 -8.84
C SER A 195 -8.93 -12.83 -9.00
N ASP A 196 -9.46 -13.73 -9.84
CA ASP A 196 -10.90 -13.91 -10.02
C ASP A 196 -11.41 -15.19 -9.36
N ASP A 197 -10.56 -15.91 -8.64
CA ASP A 197 -10.96 -17.14 -7.95
C ASP A 197 -10.65 -17.05 -6.46
N ASP A 198 -10.87 -15.87 -5.90
CA ASP A 198 -10.83 -15.70 -4.45
C ASP A 198 -9.42 -15.85 -3.89
N GLY A 199 -8.42 -15.51 -4.70
CA GLY A 199 -7.05 -15.56 -4.26
C GLY A 199 -6.28 -16.83 -4.57
N LYS A 200 -6.92 -17.82 -5.20
CA LYS A 200 -6.20 -19.07 -5.46
C LYS A 200 -5.15 -18.88 -6.55
N THR A 201 -5.49 -18.16 -7.63
CA THR A 201 -4.55 -17.88 -8.70
C THR A 201 -4.54 -16.38 -8.99
N TRP A 202 -3.41 -15.91 -9.53
CA TRP A 202 -3.16 -14.50 -9.73
C TRP A 202 -2.59 -14.27 -11.12
N SER A 203 -2.91 -13.10 -11.69
CA SER A 203 -2.38 -12.70 -12.97
C SER A 203 -0.90 -12.36 -12.86
N GLU A 204 -0.27 -12.15 -14.02
N GLU A 204 -0.30 -12.12 -14.02
CA GLU A 204 1.07 -11.60 -14.06
CA GLU A 204 1.06 -11.59 -13.99
C GLU A 204 0.99 -10.09 -13.84
C GLU A 204 1.02 -10.07 -13.94
N PRO A 205 2.07 -9.47 -13.38
CA PRO A 205 2.01 -8.04 -13.05
C PRO A 205 1.78 -7.14 -14.24
N GLN A 206 0.90 -6.16 -14.04
CA GLN A 206 0.70 -5.05 -14.96
C GLN A 206 1.46 -3.85 -14.41
N ASN A 207 2.21 -3.18 -15.28
CA ASN A 207 2.99 -2.02 -14.88
C ASN A 207 2.16 -0.77 -15.18
N ILE A 208 1.61 -0.16 -14.14
CA ILE A 208 0.68 0.96 -14.31
C ILE A 208 1.38 2.31 -14.09
N ASN A 209 2.71 2.31 -14.03
CA ASN A 209 3.42 3.57 -13.79
C ASN A 209 3.03 4.63 -14.80
N PHE A 210 2.80 4.23 -16.06
CA PHE A 210 2.50 5.20 -17.10
C PHE A 210 1.24 6.02 -16.80
N GLN A 211 0.35 5.52 -15.95
CA GLN A 211 -0.87 6.24 -15.63
C GLN A 211 -0.78 7.03 -14.35
N VAL A 212 0.07 6.64 -13.41
CA VAL A 212 0.02 7.20 -12.06
C VAL A 212 1.27 7.94 -11.65
N LYS A 213 2.40 7.78 -12.34
CA LYS A 213 3.64 8.42 -11.92
C LYS A 213 3.96 9.61 -12.81
N LYS A 214 4.12 10.76 -12.19
CA LYS A 214 4.42 12.00 -12.90
C LYS A 214 5.93 12.17 -13.13
N ASP A 215 6.23 13.07 -14.08
CA ASP A 215 7.61 13.26 -14.51
C ASP A 215 8.51 13.77 -13.39
N TRP A 216 7.94 14.46 -12.40
CA TRP A 216 8.72 15.08 -11.33
C TRP A 216 8.79 14.22 -10.08
N MET A 217 8.19 13.03 -10.08
CA MET A 217 8.26 12.15 -8.93
C MET A 217 9.48 11.24 -9.06
N LYS A 218 10.20 11.05 -7.96
CA LYS A 218 11.37 10.17 -7.94
C LYS A 218 10.91 8.77 -7.49
N PHE A 219 10.57 8.62 -6.22
CA PHE A 219 9.93 7.40 -5.73
C PHE A 219 8.41 7.60 -5.77
N LEU A 220 7.70 6.57 -6.22
CA LEU A 220 6.24 6.50 -6.04
C LEU A 220 5.96 5.06 -5.64
N GLY A 221 5.42 4.85 -4.45
CA GLY A 221 5.24 3.50 -3.93
C GLY A 221 3.87 3.30 -3.33
N ILE A 222 3.47 2.01 -3.30
CA ILE A 222 2.29 1.62 -2.53
C ILE A 222 2.53 1.92 -1.06
N ALA A 223 1.51 2.46 -0.39
CA ALA A 223 1.52 2.55 1.06
C ALA A 223 0.90 1.27 1.59
N PRO A 224 1.68 0.37 2.22
CA PRO A 224 1.22 -1.00 2.36
C PRO A 224 0.08 -1.17 3.36
N GLY A 225 -0.73 -2.19 3.08
CA GLY A 225 -1.87 -2.54 3.89
C GLY A 225 -3.05 -2.88 3.01
N ARG A 226 -4.04 -1.99 2.96
CA ARG A 226 -5.22 -2.25 2.16
C ARG A 226 -5.70 -0.97 1.49
N GLY A 227 -6.58 -1.16 0.50
CA GLY A 227 -7.31 -0.07 -0.09
C GLY A 227 -8.75 -0.10 0.37
N ILE A 228 -9.57 0.73 -0.28
CA ILE A 228 -11.02 0.69 -0.05
C ILE A 228 -11.73 0.73 -1.39
N GLN A 229 -13.01 0.33 -1.37
CA GLN A 229 -13.93 0.65 -2.45
C GLN A 229 -15.01 1.54 -1.85
N ILE A 230 -15.25 2.71 -2.47
CA ILE A 230 -16.16 3.68 -1.86
C ILE A 230 -17.58 3.13 -1.88
N LYS A 231 -18.29 3.27 -0.75
CA LYS A 231 -19.60 2.68 -0.60
C LYS A 231 -20.74 3.66 -0.79
N ASN A 232 -20.52 4.94 -0.48
CA ASN A 232 -21.60 5.91 -0.45
C ASN A 232 -21.25 7.10 -1.32
N GLY A 233 -22.27 7.72 -1.90
CA GLY A 233 -22.10 9.02 -2.54
C GLY A 233 -21.74 8.94 -4.01
N GLU A 234 -21.27 10.10 -4.51
CA GLU A 234 -21.11 10.29 -5.95
C GLU A 234 -19.98 9.48 -6.53
N HIS A 235 -19.08 8.98 -5.69
CA HIS A 235 -17.96 8.18 -6.17
C HIS A 235 -18.09 6.74 -5.77
N LYS A 236 -19.32 6.29 -5.49
CA LYS A 236 -19.55 4.90 -5.16
C LYS A 236 -18.93 3.99 -6.23
N GLY A 237 -18.23 2.96 -5.76
CA GLY A 237 -17.59 2.01 -6.63
C GLY A 237 -16.13 2.30 -6.93
N ARG A 238 -15.66 3.51 -6.64
CA ARG A 238 -14.27 3.85 -6.91
C ARG A 238 -13.36 3.02 -6.02
N ILE A 239 -12.35 2.43 -6.62
CA ILE A 239 -11.35 1.66 -5.89
C ILE A 239 -10.21 2.61 -5.56
N VAL A 240 -9.87 2.72 -4.27
CA VAL A 240 -8.94 3.73 -3.78
C VAL A 240 -7.75 3.03 -3.12
N VAL A 241 -6.55 3.33 -3.59
CA VAL A 241 -5.32 2.69 -3.11
C VAL A 241 -4.32 3.72 -2.60
N PRO A 242 -4.05 3.74 -1.29
CA PRO A 242 -3.03 4.67 -0.75
C PRO A 242 -1.65 4.46 -1.34
N VAL A 243 -0.97 5.59 -1.61
CA VAL A 243 0.40 5.63 -2.11
C VAL A 243 1.15 6.79 -1.44
N TYR A 244 2.44 6.89 -1.72
CA TYR A 244 3.19 8.08 -1.35
C TYR A 244 4.35 8.23 -2.32
N TYR A 245 4.87 9.44 -2.44
CA TYR A 245 5.93 9.71 -3.42
C TYR A 245 6.91 10.72 -2.88
N THR A 246 8.08 10.77 -3.52
CA THR A 246 9.01 11.86 -3.29
C THR A 246 9.12 12.73 -4.52
N ASN A 247 9.44 14.00 -4.30
CA ASN A 247 9.72 14.95 -5.37
C ASN A 247 11.22 14.93 -5.68
N GLU A 248 11.65 15.83 -6.58
CA GLU A 248 13.06 15.89 -6.96
C GLU A 248 13.97 16.15 -5.76
N LYS A 249 13.49 16.91 -4.77
CA LYS A 249 14.26 17.15 -3.54
C LYS A 249 14.16 16.01 -2.54
N GLY A 250 13.49 14.91 -2.87
CA GLY A 250 13.47 13.79 -1.95
C GLY A 250 12.43 13.85 -0.86
N LYS A 251 11.52 14.86 -0.89
CA LYS A 251 10.59 15.03 0.22
C LYS A 251 9.28 14.30 -0.09
N GLN A 252 8.72 13.67 0.95
CA GLN A 252 7.65 12.69 0.80
C GLN A 252 6.28 13.32 1.00
N SER A 253 5.32 12.89 0.17
CA SER A 253 3.93 13.32 0.26
C SER A 253 2.99 12.17 -0.07
N SER A 254 1.91 12.06 0.69
CA SER A 254 0.94 10.96 0.53
C SER A 254 -0.05 11.30 -0.58
N ALA A 255 -0.69 10.26 -1.13
CA ALA A 255 -1.83 10.49 -2.02
C ALA A 255 -2.61 9.19 -2.11
N VAL A 256 -3.62 9.15 -2.98
CA VAL A 256 -4.24 7.89 -3.38
C VAL A 256 -4.24 7.81 -4.89
N ILE A 257 -4.10 6.58 -5.41
CA ILE A 257 -4.46 6.28 -6.79
C ILE A 257 -5.84 5.66 -6.77
N TYR A 258 -6.56 5.80 -7.88
CA TYR A 258 -7.93 5.26 -7.86
C TYR A 258 -8.38 4.87 -9.25
N SER A 259 -9.38 3.97 -9.28
CA SER A 259 -9.98 3.48 -10.52
C SER A 259 -11.50 3.53 -10.43
N ASP A 260 -12.14 4.11 -11.46
CA ASP A 260 -13.58 4.14 -11.59
C ASP A 260 -14.09 3.10 -12.57
N ASP A 261 -13.20 2.27 -13.11
CA ASP A 261 -13.58 1.26 -14.11
C ASP A 261 -13.09 -0.12 -13.73
N SER A 262 -13.24 -0.48 -12.46
CA SER A 262 -13.01 -1.84 -11.99
C SER A 262 -11.56 -2.26 -12.15
N GLY A 263 -10.64 -1.29 -12.04
CA GLY A 263 -9.22 -1.56 -12.10
C GLY A 263 -8.59 -1.54 -13.47
N LYS A 264 -9.34 -1.20 -14.51
CA LYS A 264 -8.75 -1.17 -15.84
C LYS A 264 -7.83 0.04 -15.99
N ASN A 265 -8.24 1.21 -15.50
CA ASN A 265 -7.43 2.41 -15.62
C ASN A 265 -7.34 3.09 -14.26
N TRP A 266 -6.22 3.79 -14.04
CA TRP A 266 -5.91 4.40 -12.76
C TRP A 266 -5.50 5.85 -12.95
N THR A 267 -5.71 6.63 -11.90
CA THR A 267 -5.36 8.05 -11.82
C THR A 267 -4.77 8.26 -10.44
N ILE A 268 -3.78 9.15 -10.34
CA ILE A 268 -3.31 9.63 -9.05
C ILE A 268 -3.99 10.95 -8.71
N GLY A 269 -4.51 11.04 -7.49
CA GLY A 269 -5.02 12.30 -7.01
C GLY A 269 -3.93 13.23 -6.48
N GLU A 270 -4.35 14.44 -6.11
CA GLU A 270 -3.42 15.33 -5.45
C GLU A 270 -3.04 14.79 -4.07
N SER A 271 -1.91 15.28 -3.58
CA SER A 271 -1.55 15.00 -2.20
C SER A 271 -2.28 15.96 -1.26
N PRO A 272 -2.49 15.57 0.00
CA PRO A 272 -2.84 16.59 0.99
C PRO A 272 -1.78 17.66 1.12
N ASN A 273 -0.56 17.42 0.68
CA ASN A 273 0.43 18.50 0.71
C ASN A 273 0.23 19.50 -0.43
N ASP A 274 -0.63 19.23 -1.41
CA ASP A 274 -0.81 20.18 -2.51
C ASP A 274 -1.76 21.29 -2.07
N ASN A 275 -1.25 22.53 -2.09
CA ASN A 275 -2.00 23.69 -1.52
C ASN A 275 -2.39 23.45 -0.07
N ARG A 276 -1.59 22.72 0.68
CA ARG A 276 -1.82 22.57 2.11
C ARG A 276 -1.53 23.88 2.81
N LYS A 277 -2.39 24.22 3.75
CA LYS A 277 -2.18 25.36 4.63
C LYS A 277 -1.60 24.83 5.93
N LEU A 278 -0.32 25.14 6.16
CA LEU A 278 0.33 24.71 7.39
C LEU A 278 -0.25 25.50 8.56
N GLU A 279 0.15 25.10 9.76
CA GLU A 279 -0.50 25.58 10.98
C GLU A 279 -0.70 27.09 11.01
N ASN A 280 0.32 27.85 10.62
CA ASN A 280 0.27 29.32 10.72
C ASN A 280 0.01 30.01 9.39
N GLY A 281 -0.34 29.26 8.34
CA GLY A 281 -0.85 29.85 7.12
C GLY A 281 0.03 29.72 5.91
N LYS A 282 1.26 29.22 6.04
CA LYS A 282 2.10 28.99 4.86
C LYS A 282 1.46 27.97 3.93
N ILE A 283 1.46 28.24 2.62
CA ILE A 283 0.89 27.32 1.63
C ILE A 283 2.02 26.58 0.95
N ILE A 284 1.95 25.25 0.95
CA ILE A 284 2.98 24.44 0.28
C ILE A 284 2.36 23.60 -0.83
N ASN A 285 3.23 22.89 -1.55
CA ASN A 285 2.87 21.95 -2.61
C ASN A 285 3.78 20.75 -2.57
N SER A 286 3.23 19.58 -2.94
CA SER A 286 4.08 18.39 -2.94
C SER A 286 5.18 18.44 -3.98
N LYS A 287 4.99 19.20 -5.07
CA LYS A 287 6.04 19.31 -6.08
C LYS A 287 7.21 20.14 -5.59
N THR A 288 6.94 21.17 -4.79
CA THR A 288 8.00 22.08 -4.35
C THR A 288 8.47 21.84 -2.92
N LEU A 289 7.84 20.92 -2.19
CA LEU A 289 8.17 20.75 -0.78
C LEU A 289 9.66 20.56 -0.59
N SER A 290 10.25 21.41 0.25
N SER A 290 10.26 21.42 0.25
CA SER A 290 11.70 21.42 0.43
CA SER A 290 11.70 21.43 0.45
C SER A 290 12.13 21.23 1.88
C SER A 290 12.12 21.14 1.87
N ASP A 291 11.19 21.06 2.82
CA ASP A 291 11.47 20.89 4.23
C ASP A 291 11.00 19.52 4.69
N ASP A 292 11.66 18.99 5.72
CA ASP A 292 11.29 17.67 6.22
C ASP A 292 10.03 17.69 7.06
N ALA A 293 9.76 18.78 7.77
CA ALA A 293 8.70 18.74 8.77
C ALA A 293 7.29 18.47 8.22
N PRO A 294 6.87 19.01 7.08
CA PRO A 294 5.51 18.74 6.59
C PRO A 294 5.36 17.44 5.82
N GLN A 295 6.35 16.56 5.82
CA GLN A 295 6.22 15.36 4.99
C GLN A 295 5.07 14.48 5.46
N LEU A 296 4.42 13.84 4.50
CA LEU A 296 3.34 12.89 4.74
C LEU A 296 3.70 11.65 3.94
N THR A 297 3.66 10.47 4.57
CA THR A 297 4.28 9.32 3.91
C THR A 297 3.26 8.19 3.77
N GLU A 298 3.55 7.00 4.30
CA GLU A 298 2.63 5.88 4.24
C GLU A 298 1.31 6.28 4.87
N CYS A 299 0.22 5.71 4.37
CA CYS A 299 -1.10 6.16 4.78
C CYS A 299 -2.11 5.06 4.47
N GLN A 300 -3.27 5.19 5.12
CA GLN A 300 -4.41 4.31 4.89
C GLN A 300 -5.65 5.19 4.93
N VAL A 301 -6.68 4.78 4.19
CA VAL A 301 -7.86 5.61 3.97
C VAL A 301 -9.12 4.92 4.50
N VAL A 302 -10.04 5.72 5.05
CA VAL A 302 -11.34 5.23 5.49
C VAL A 302 -12.43 6.19 5.03
N GLU A 303 -13.65 5.67 4.99
CA GLU A 303 -14.79 6.40 4.45
C GLU A 303 -15.77 6.80 5.56
N MET A 304 -16.22 8.05 5.54
CA MET A 304 -17.16 8.57 6.52
C MET A 304 -18.58 8.19 6.08
N PRO A 305 -19.60 8.39 6.91
CA PRO A 305 -20.96 7.92 6.54
C PRO A 305 -21.50 8.49 5.24
N ASN A 306 -21.11 9.70 4.86
CA ASN A 306 -21.64 10.31 3.65
C ASN A 306 -20.76 10.07 2.43
N GLY A 307 -19.66 9.32 2.57
CA GLY A 307 -18.71 9.08 1.49
C GLY A 307 -17.41 9.85 1.62
N GLN A 308 -17.34 10.86 2.48
CA GLN A 308 -16.13 11.65 2.62
C GLN A 308 -14.95 10.76 3.00
N LEU A 309 -13.78 11.02 2.43
CA LEU A 309 -12.62 10.21 2.75
C LEU A 309 -11.73 10.86 3.78
N LYS A 310 -11.12 10.03 4.62
CA LYS A 310 -10.15 10.45 5.62
C LYS A 310 -8.88 9.67 5.37
N LEU A 311 -7.77 10.37 5.19
CA LEU A 311 -6.47 9.74 4.97
C LEU A 311 -5.66 9.88 6.25
N PHE A 312 -5.34 8.77 6.86
CA PHE A 312 -4.54 8.71 8.08
C PHE A 312 -3.10 8.48 7.66
N MET A 313 -2.18 9.34 8.12
CA MET A 313 -0.87 9.42 7.50
C MET A 313 0.27 9.39 8.51
N ARG A 314 1.27 8.56 8.22
CA ARG A 314 2.57 8.62 8.88
C ARG A 314 3.25 9.94 8.54
N ASN A 315 3.90 10.53 9.54
CA ASN A 315 4.42 11.88 9.39
C ASN A 315 5.49 12.08 10.47
N LEU A 316 6.04 13.30 10.55
CA LEU A 316 7.14 13.56 11.47
C LEU A 316 6.72 14.37 12.71
N SER A 317 5.44 14.62 12.91
CA SER A 317 4.98 15.43 14.04
C SER A 317 4.97 14.69 15.37
N GLY A 318 5.12 13.36 15.36
CA GLY A 318 4.99 12.57 16.56
C GLY A 318 3.59 12.08 16.82
N TYR A 319 2.60 12.61 16.08
CA TYR A 319 1.19 12.30 16.28
C TYR A 319 0.53 12.02 14.93
N LEU A 320 -0.61 11.33 15.00
CA LEU A 320 -1.41 11.04 13.82
C LEU A 320 -1.78 12.32 13.07
N ASN A 321 -1.72 12.26 11.73
CA ASN A 321 -2.20 13.32 10.85
C ASN A 321 -3.34 12.75 10.01
N ILE A 322 -4.36 13.57 9.78
CA ILE A 322 -5.56 13.14 9.05
C ILE A 322 -5.91 14.21 8.03
N ALA A 323 -6.06 13.79 6.76
CA ALA A 323 -6.55 14.66 5.70
C ALA A 323 -7.96 14.27 5.29
N THR A 324 -8.71 15.21 4.69
CA THR A 324 -10.11 15.00 4.33
C THR A 324 -10.32 15.32 2.87
N SER A 325 -11.06 14.46 2.17
CA SER A 325 -11.35 14.69 0.74
C SER A 325 -12.86 14.65 0.52
N PHE A 326 -13.35 15.66 -0.18
CA PHE A 326 -14.76 15.77 -0.52
C PHE A 326 -15.08 15.22 -1.89
N ASP A 327 -14.07 14.80 -2.67
CA ASP A 327 -14.28 14.46 -4.07
C ASP A 327 -13.68 13.10 -4.37
N GLY A 328 -13.75 12.18 -3.40
CA GLY A 328 -13.36 10.81 -3.65
C GLY A 328 -11.87 10.60 -3.85
N GLY A 329 -11.05 11.48 -3.29
CA GLY A 329 -9.62 11.33 -3.35
C GLY A 329 -8.93 12.14 -4.43
N ALA A 330 -9.67 12.91 -5.22
CA ALA A 330 -9.01 13.70 -6.24
C ALA A 330 -8.23 14.87 -5.63
N THR A 331 -8.77 15.48 -4.58
CA THR A 331 -8.09 16.58 -3.90
C THR A 331 -8.42 16.48 -2.42
N TRP A 332 -7.71 17.25 -1.61
CA TRP A 332 -7.86 17.25 -0.16
C TRP A 332 -8.07 18.65 0.35
N ASP A 333 -8.84 18.76 1.43
CA ASP A 333 -8.99 20.03 2.12
C ASP A 333 -7.61 20.53 2.56
N GLU A 334 -7.45 21.87 2.58
CA GLU A 334 -6.15 22.46 2.87
C GLU A 334 -5.64 22.20 4.28
N THR A 335 -6.48 21.79 5.22
CA THR A 335 -6.03 21.62 6.59
C THR A 335 -5.80 20.15 6.89
N VAL A 336 -4.56 19.80 7.26
CA VAL A 336 -4.25 18.46 7.75
C VAL A 336 -4.31 18.52 9.27
N GLU A 337 -5.20 17.74 9.86
CA GLU A 337 -5.38 17.72 11.31
C GLU A 337 -4.32 16.86 11.99
N LYS A 338 -3.87 17.31 13.15
CA LYS A 338 -2.98 16.56 14.03
C LYS A 338 -3.78 16.09 15.23
N ASP A 339 -3.83 14.77 15.46
CA ASP A 339 -4.61 14.24 16.58
C ASP A 339 -3.63 13.84 17.68
N THR A 340 -3.51 14.69 18.69
CA THR A 340 -2.53 14.43 19.73
C THR A 340 -2.98 13.37 20.73
N ASN A 341 -4.16 12.77 20.54
CA ASN A 341 -4.55 11.60 21.29
C ASN A 341 -3.92 10.31 20.74
N VAL A 342 -3.25 10.38 19.59
CA VAL A 342 -2.76 9.18 18.90
C VAL A 342 -1.28 9.40 18.55
N LEU A 343 -0.38 8.85 19.36
CA LEU A 343 1.03 8.93 19.02
C LEU A 343 1.30 8.22 17.70
N GLU A 344 2.28 8.73 16.96
CA GLU A 344 2.65 8.20 15.66
C GLU A 344 4.18 8.29 15.61
N PRO A 345 4.90 7.18 15.87
CA PRO A 345 6.35 7.27 16.05
C PRO A 345 7.14 7.24 14.74
N TYR A 346 6.47 7.50 13.61
CA TYR A 346 7.00 7.47 12.24
C TYR A 346 7.07 6.02 11.80
N CYS A 347 5.88 5.43 11.68
CA CYS A 347 5.71 4.03 11.36
C CYS A 347 4.39 3.86 10.62
N GLN A 348 4.30 2.80 9.81
CA GLN A 348 3.04 2.52 9.13
C GLN A 348 1.96 2.26 10.17
N LEU A 349 0.71 2.58 9.79
CA LEU A 349 -0.47 2.39 10.65
C LEU A 349 -1.53 1.68 9.82
N SER A 350 -2.50 1.10 10.52
CA SER A 350 -3.67 0.52 9.85
C SER A 350 -4.95 1.13 10.41
N VAL A 351 -5.88 1.46 9.52
CA VAL A 351 -7.21 1.90 9.92
C VAL A 351 -8.22 1.32 8.95
N ILE A 352 -9.36 0.86 9.51
CA ILE A 352 -10.44 0.27 8.70
C ILE A 352 -11.76 0.78 9.18
N ASN A 353 -12.73 0.83 8.28
CA ASN A 353 -14.10 0.99 8.69
C ASN A 353 -14.60 -0.27 9.40
N TYR A 354 -15.52 -0.08 10.32
CA TYR A 354 -16.16 -1.19 11.01
C TYR A 354 -17.64 -1.17 10.65
N SER A 355 -18.22 -2.36 10.45
CA SER A 355 -19.55 -2.45 9.81
C SER A 355 -20.73 -2.20 10.75
N GLN A 356 -20.54 -2.28 12.07
CA GLN A 356 -21.63 -2.10 13.03
C GLN A 356 -21.34 -0.90 13.94
N LYS A 357 -22.39 -0.24 14.43
CA LYS A 357 -22.14 0.89 15.30
C LYS A 357 -21.69 0.42 16.68
N VAL A 358 -20.93 1.28 17.33
CA VAL A 358 -20.43 1.04 18.67
C VAL A 358 -20.96 2.19 19.51
N ASP A 359 -21.67 1.88 20.60
CA ASP A 359 -22.20 2.93 21.48
C ASP A 359 -23.02 3.96 20.71
N GLY A 360 -23.75 3.49 19.71
CA GLY A 360 -24.58 4.40 18.94
C GLY A 360 -23.85 5.25 17.91
N LYS A 361 -22.59 4.93 17.61
CA LYS A 361 -21.80 5.74 16.69
C LYS A 361 -21.18 4.85 15.61
N ASP A 362 -21.12 5.38 14.38
CA ASP A 362 -20.26 4.76 13.37
C ASP A 362 -18.82 4.76 13.88
N ALA A 363 -18.06 3.72 13.54
CA ALA A 363 -16.75 3.52 14.13
C ALA A 363 -15.73 3.06 13.11
N VAL A 364 -14.47 3.33 13.46
CA VAL A 364 -13.31 2.78 12.79
C VAL A 364 -12.47 2.02 13.80
N ILE A 365 -11.63 1.12 13.27
CA ILE A 365 -10.65 0.37 14.06
C ILE A 365 -9.27 0.82 13.59
N PHE A 366 -8.38 1.04 14.55
CA PHE A 366 -7.05 1.59 14.26
C PHE A 366 -5.98 0.77 14.98
N SER A 367 -4.83 0.60 14.33
CA SER A 367 -3.70 -0.15 14.89
C SER A 367 -2.40 0.59 14.57
N ASN A 368 -1.58 0.80 15.59
CA ASN A 368 -0.21 1.25 15.36
C ASN A 368 0.56 1.08 16.68
N PRO A 369 1.87 1.43 16.71
CA PRO A 369 2.64 1.42 17.96
C PRO A 369 2.34 2.70 18.73
N ASN A 370 1.69 2.57 19.89
CA ASN A 370 1.29 3.74 20.69
C ASN A 370 2.46 4.18 21.57
N ALA A 371 3.46 4.81 20.94
CA ALA A 371 4.69 5.14 21.66
C ALA A 371 5.48 6.14 20.83
N ARG A 372 6.67 6.50 21.32
CA ARG A 372 7.62 7.24 20.52
C ARG A 372 8.64 6.32 19.88
N SER A 373 8.39 5.02 19.92
CA SER A 373 9.20 4.00 19.29
C SER A 373 8.25 2.94 18.76
N ARG A 374 8.80 1.92 18.12
CA ARG A 374 7.99 0.85 17.52
C ARG A 374 7.73 -0.18 18.62
N SER A 375 6.78 0.15 19.48
CA SER A 375 6.45 -0.66 20.65
C SER A 375 5.02 -0.37 21.10
N ASN A 376 4.57 -1.11 22.13
CA ASN A 376 3.27 -0.82 22.74
C ASN A 376 2.14 -0.87 21.71
N GLY A 377 2.07 -1.99 20.99
CA GLY A 377 1.12 -2.10 19.89
C GLY A 377 -0.30 -2.08 20.41
N THR A 378 -1.11 -1.16 19.86
CA THR A 378 -2.39 -0.81 20.46
C THR A 378 -3.47 -0.74 19.38
N VAL A 379 -4.58 -1.41 19.63
CA VAL A 379 -5.75 -1.38 18.76
C VAL A 379 -6.80 -0.49 19.39
N ARG A 380 -7.31 0.46 18.60
CA ARG A 380 -8.27 1.45 19.08
C ARG A 380 -9.58 1.37 18.31
N ILE A 381 -10.67 1.73 19.00
CA ILE A 381 -11.97 1.94 18.37
C ILE A 381 -12.21 3.44 18.42
N GLY A 382 -12.33 4.05 17.24
CA GLY A 382 -12.64 5.46 17.12
C GLY A 382 -14.07 5.68 16.70
N LEU A 383 -14.79 6.44 17.51
CA LEU A 383 -16.18 6.75 17.21
C LEU A 383 -16.25 8.04 16.41
N ILE A 384 -17.03 8.02 15.33
CA ILE A 384 -17.14 9.19 14.44
C ILE A 384 -18.20 10.14 14.96
N ASN A 385 -17.83 11.42 15.10
CA ASN A 385 -18.81 12.44 15.45
C ASN A 385 -18.69 13.62 14.50
N GLN A 386 -19.84 14.13 14.07
CA GLN A 386 -19.82 15.37 13.30
C GLN A 386 -19.75 16.57 14.24
N VAL A 387 -18.78 17.45 13.97
CA VAL A 387 -18.62 18.67 14.76
C VAL A 387 -18.75 19.87 13.82
N GLY A 388 -19.96 20.11 13.36
CA GLY A 388 -20.21 21.26 12.52
C GLY A 388 -19.90 20.99 11.07
N THR A 389 -19.57 22.04 10.31
CA THR A 389 -19.44 21.94 8.86
C THR A 389 -18.29 22.83 8.42
N TYR A 390 -17.73 22.50 7.25
CA TYR A 390 -16.75 23.36 6.61
C TYR A 390 -17.47 24.54 5.96
N GLU A 391 -16.67 25.48 5.45
CA GLU A 391 -17.25 26.63 4.75
C GLU A 391 -18.05 26.20 3.52
N ASN A 392 -17.64 25.13 2.85
CA ASN A 392 -18.38 24.65 1.69
C ASN A 392 -19.67 23.93 2.05
N GLY A 393 -20.01 23.86 3.35
CA GLY A 393 -21.21 23.19 3.79
C GLY A 393 -21.06 21.71 4.07
N GLU A 394 -19.92 21.10 3.75
CA GLU A 394 -19.79 19.67 3.96
C GLU A 394 -19.64 19.38 5.46
N PRO A 395 -20.06 18.21 5.89
CA PRO A 395 -19.92 17.86 7.31
C PRO A 395 -18.45 17.74 7.72
N LYS A 396 -18.17 18.16 8.95
CA LYS A 396 -16.84 18.03 9.53
C LYS A 396 -16.87 16.91 10.56
N TYR A 397 -16.08 15.87 10.32
CA TYR A 397 -16.08 14.68 11.17
C TYR A 397 -14.79 14.63 11.99
N GLU A 398 -14.90 14.22 13.25
CA GLU A 398 -13.79 14.06 14.16
C GLU A 398 -13.89 12.67 14.78
N PHE A 399 -12.78 12.16 15.29
CA PHE A 399 -12.76 10.84 15.91
C PHE A 399 -12.65 10.97 17.42
N ASP A 400 -13.41 10.13 18.11
CA ASP A 400 -13.32 10.00 19.56
C ASP A 400 -12.69 8.63 19.80
N TRP A 401 -11.41 8.63 20.21
CA TRP A 401 -10.71 7.38 20.48
C TRP A 401 -11.11 6.87 21.86
N LYS A 402 -12.31 6.28 21.91
CA LYS A 402 -12.90 5.94 23.20
C LYS A 402 -12.31 4.67 23.80
N TYR A 403 -11.95 3.69 22.98
CA TYR A 403 -11.40 2.42 23.46
C TYR A 403 -10.01 2.26 22.88
N ASN A 404 -9.05 1.92 23.72
CA ASN A 404 -7.65 1.82 23.30
C ASN A 404 -7.04 0.66 24.07
N LYS A 405 -6.69 -0.42 23.37
CA LYS A 405 -6.30 -1.66 24.00
C LYS A 405 -4.89 -2.09 23.58
N LEU A 406 -4.01 -2.27 24.58
CA LEU A 406 -2.66 -2.80 24.34
C LEU A 406 -2.77 -4.27 23.96
N VAL A 407 -2.32 -4.60 22.74
CA VAL A 407 -2.38 -5.99 22.27
C VAL A 407 -1.00 -6.62 22.13
N LYS A 408 0.06 -5.81 22.05
CA LYS A 408 1.42 -6.35 21.89
C LYS A 408 2.41 -5.53 22.68
N PRO A 409 2.73 -5.94 23.90
CA PRO A 409 3.87 -5.38 24.62
C PRO A 409 5.16 -5.67 23.89
N GLY A 410 6.11 -4.73 24.00
CA GLY A 410 7.38 -4.87 23.29
C GLY A 410 7.27 -4.46 21.84
N TYR A 411 8.06 -5.10 20.99
CA TYR A 411 8.21 -4.63 19.60
C TYR A 411 6.89 -4.67 18.84
N TYR A 412 6.59 -3.60 18.12
CA TYR A 412 5.41 -3.57 17.24
C TYR A 412 5.69 -2.55 16.16
N ALA A 413 5.63 -2.99 14.90
CA ALA A 413 5.91 -2.05 13.80
C ALA A 413 4.71 -2.01 12.85
N TYR A 414 4.85 -2.51 11.63
CA TYR A 414 3.76 -2.44 10.66
C TYR A 414 2.65 -3.43 11.00
N SER A 415 1.42 -3.11 10.57
CA SER A 415 0.27 -3.93 10.94
C SER A 415 -0.83 -3.77 9.91
N CYS A 416 -1.77 -4.72 9.90
CA CYS A 416 -2.94 -4.54 9.05
C CYS A 416 -4.12 -5.26 9.67
N LEU A 417 -5.24 -4.55 9.74
CA LEU A 417 -6.50 -5.02 10.31
C LEU A 417 -7.47 -5.54 9.25
N THR A 418 -8.38 -6.41 9.67
CA THR A 418 -9.57 -6.68 8.87
C THR A 418 -10.73 -7.01 9.80
N GLU A 419 -11.93 -6.65 9.36
CA GLU A 419 -13.11 -7.16 10.03
C GLU A 419 -13.38 -8.58 9.52
N LEU A 420 -13.79 -9.47 10.44
CA LEU A 420 -14.03 -10.86 10.14
C LEU A 420 -15.53 -11.08 9.95
N SER A 421 -15.87 -12.25 9.37
CA SER A 421 -17.28 -12.54 9.11
C SER A 421 -18.13 -12.54 10.39
N ASN A 422 -17.53 -12.88 11.53
CA ASN A 422 -18.27 -12.95 12.79
C ASN A 422 -18.34 -11.60 13.48
N GLY A 423 -17.90 -10.54 12.80
CA GLY A 423 -17.88 -9.23 13.42
C GLY A 423 -16.66 -8.94 14.28
N ASN A 424 -15.77 -9.90 14.47
CA ASN A 424 -14.54 -9.67 15.21
C ASN A 424 -13.49 -9.03 14.32
N ILE A 425 -12.31 -8.82 14.89
CA ILE A 425 -11.20 -8.12 14.22
C ILE A 425 -10.02 -9.06 14.08
N GLY A 426 -9.52 -9.22 12.86
CA GLY A 426 -8.27 -9.92 12.66
C GLY A 426 -7.15 -8.92 12.48
N LEU A 427 -5.94 -9.30 12.91
CA LEU A 427 -4.80 -8.39 12.89
C LEU A 427 -3.55 -9.18 12.56
N LEU A 428 -2.80 -8.73 11.55
CA LEU A 428 -1.50 -9.29 11.25
C LEU A 428 -0.46 -8.20 11.49
N TYR A 429 0.55 -8.52 12.31
CA TYR A 429 1.45 -7.47 12.78
C TYR A 429 2.91 -7.92 12.85
N GLU A 430 3.80 -6.93 12.71
CA GLU A 430 5.24 -7.17 12.88
C GLU A 430 5.55 -7.08 14.37
N GLY A 431 5.51 -8.24 15.05
CA GLY A 431 5.90 -8.31 16.45
C GLY A 431 7.35 -8.66 16.64
N THR A 432 8.06 -8.90 15.54
CA THR A 432 9.51 -8.95 15.45
C THR A 432 9.89 -8.08 14.27
N PRO A 433 11.16 -7.65 14.19
CA PRO A 433 11.53 -6.76 13.08
C PRO A 433 11.34 -7.35 11.70
N SER A 434 11.75 -8.60 11.51
CA SER A 434 11.72 -9.17 10.17
C SER A 434 11.67 -10.68 10.16
N GLU A 435 11.16 -11.32 11.22
CA GLU A 435 11.11 -12.77 11.27
C GLU A 435 9.69 -13.30 11.40
N GLU A 436 9.17 -13.48 12.62
CA GLU A 436 7.80 -13.91 12.78
C GLU A 436 6.82 -12.75 12.61
N MET A 437 5.83 -12.95 11.76
CA MET A 437 4.69 -12.05 11.57
C MET A 437 3.48 -12.72 12.20
N SER A 438 2.83 -12.03 13.14
CA SER A 438 1.85 -12.67 14.02
C SER A 438 0.42 -12.29 13.64
N TYR A 439 -0.46 -13.28 13.68
CA TYR A 439 -1.90 -13.08 13.42
C TYR A 439 -2.68 -13.38 14.70
N ILE A 440 -3.62 -12.49 15.04
CA ILE A 440 -4.57 -12.69 16.15
C ILE A 440 -5.98 -12.27 15.74
N GLU A 441 -6.96 -12.84 16.42
CA GLU A 441 -8.35 -12.44 16.32
C GLU A 441 -8.76 -11.87 17.68
N MET A 442 -9.49 -10.76 17.67
CA MET A 442 -9.92 -10.07 18.87
C MET A 442 -11.40 -9.76 18.72
N ASN A 443 -12.18 -9.87 19.79
CA ASN A 443 -13.54 -9.37 19.70
C ASN A 443 -13.69 -8.01 20.37
N LEU A 444 -14.84 -7.38 20.12
CA LEU A 444 -15.05 -6.04 20.68
C LEU A 444 -15.18 -6.08 22.19
N LYS A 445 -15.68 -7.18 22.75
CA LYS A 445 -15.71 -7.29 24.20
C LYS A 445 -14.30 -7.17 24.78
N TYR A 446 -13.32 -7.83 24.15
CA TYR A 446 -11.93 -7.66 24.55
C TYR A 446 -11.43 -6.22 24.32
N LEU A 447 -11.69 -5.66 23.13
CA LEU A 447 -11.13 -4.35 22.81
C LEU A 447 -11.70 -3.25 23.70
N GLU A 448 -12.91 -3.44 24.23
CA GLU A 448 -13.56 -2.44 25.06
C GLU A 448 -13.35 -2.67 26.55
N SER A 449 -12.63 -3.73 26.92
N SER A 449 -12.60 -3.71 26.92
CA SER A 449 -12.53 -4.13 28.32
CA SER A 449 -12.49 -4.13 28.31
C SER A 449 -11.70 -3.14 29.15
C SER A 449 -11.37 -3.39 29.04
O9 NGC B . 10.65 6.99 4.22
C9 NGC B . 10.66 5.83 3.40
C8 NGC B . 10.09 4.62 4.12
O8 NGC B . 8.63 4.69 4.30
C7 NGC B . 10.45 3.32 3.42
O7 NGC B . 11.85 3.06 3.50
C6 NGC B . 9.62 2.15 3.96
O6 NGC B . 9.80 2.08 5.39
C2 NGC B . 10.37 0.91 6.02
C1 NGC B . 10.21 1.18 7.54
O1B NGC B . 10.17 0.28 8.32
O1A NGC B . 10.13 2.36 7.96
O2 NGC B . 11.73 0.91 5.77
C3 NGC B . 9.74 -0.38 5.47
C4 NGC B . 9.22 -0.26 4.04
O4 NGC B . 9.24 -1.48 3.28
C5 NGC B . 9.99 0.82 3.31
N5 NGC B . 9.64 0.85 1.90
C10 NGC B . 10.49 1.22 0.96
O10 NGC B . 11.72 1.23 1.12
C11 NGC B . 9.89 1.73 -0.32
O11 NGC B . 10.67 1.36 -1.44
CA CA C . 13.25 -12.67 -6.53
CA CA D . -5.43 20.80 -1.14
N NO3 E . 14.47 -9.79 13.62
O1 NO3 E . 15.07 -9.15 12.71
O2 NO3 E . 15.00 -9.92 14.76
O3 NO3 E . 13.32 -10.29 13.39
N NO3 F . 3.38 27.52 9.01
O1 NO3 F . 2.63 28.45 8.60
O2 NO3 F . 3.01 26.77 9.95
O3 NO3 F . 4.49 27.35 8.43
N NO3 G . 17.11 -15.21 -4.56
O1 NO3 G . 16.34 -14.52 -3.83
O2 NO3 G . 16.71 -15.61 -5.69
O3 NO3 G . 18.28 -15.49 -4.16
N NO3 H . -21.37 -15.12 11.79
O1 NO3 H . -21.52 -13.85 11.66
O2 NO3 H . -22.14 -15.90 11.15
O3 NO3 H . -20.44 -15.61 12.53
N NO3 I . -15.49 -7.39 0.92
O1 NO3 I . -15.04 -7.91 1.98
O2 NO3 I . -16.68 -6.93 0.92
O3 NO3 I . -14.74 -7.35 -0.13
N NO3 J . -15.18 8.81 25.44
O1 NO3 J . -15.20 8.54 26.68
O2 NO3 J . -14.03 8.91 24.88
O3 NO3 J . -16.27 8.97 24.78
N NO3 K . 6.19 -3.47 -18.43
O1 NO3 K . 5.75 -2.32 -18.78
O2 NO3 K . 6.15 -4.45 -19.23
O3 NO3 K . 6.68 -3.64 -17.28
#